data_7KQQ
#
_entry.id   7KQQ
#
_cell.length_a   78.976
_cell.length_b   58.599
_cell.length_c   88.231
_cell.angle_alpha   90.000
_cell.angle_beta   95.480
_cell.angle_gamma   90.000
#
_symmetry.space_group_name_H-M   'P 1 21 1'
#
loop_
_entity.id
_entity.type
_entity.pdbx_description
1 polymer 'WD repeat-containing protein 55'
2 non-polymer 'UNKNOWN ATOM OR ION'
3 water water
#
_entity_poly.entity_id   1
_entity_poly.type   'polypeptide(L)'
_entity_poly.pdbx_seq_one_letter_code
;GSMEAPTRIRDTPEDIVLEAPASGLAFHPARDLLAAGDVDGDVFVFSYSCQEGETKELWSSGHHLKACRAVAFSEDGQKL
ITVSKDKAIHVLDVEQGQLERRVSKAHGAPINSLLLVDENVLATGDDTGGIRLWDQRKEGPLMDMRQHEEYIADMALDPA
KKLLLTASGDGCLGIFNIKRRRFELLSEPQSGDLTSVTLMKWGKKVACGSSEGTIYLFNWNGFGATSDRFALRAESIDCM
VPVTESLLCTGSTDGVIRAVNILPNRVVGSVGQHTGEPVEELALSHCGRFLASSGHDQRLKFWDMAQLRAVVVDD
;
_entity_poly.pdbx_strand_id   A,B
#
# COMPACT_ATOMS: atom_id res chain seq x y z
N ARG A 8 -23.80 5.57 27.42
CA ARG A 8 -24.79 4.45 27.52
C ARG A 8 -24.24 3.26 26.72
N ILE A 9 -24.19 2.08 27.35
CA ILE A 9 -23.56 0.84 26.76
C ILE A 9 -24.61 0.15 25.89
N ARG A 10 -24.18 -0.29 24.69
CA ARG A 10 -25.02 -0.91 23.65
C ARG A 10 -25.02 -2.45 23.81
N ASP A 11 -25.80 -3.13 22.98
CA ASP A 11 -25.88 -4.62 22.93
C ASP A 11 -24.68 -5.20 22.16
N THR A 12 -24.14 -4.42 21.21
CA THR A 12 -22.98 -4.79 20.35
C THR A 12 -22.03 -3.60 20.25
N PRO A 13 -20.70 -3.84 20.14
CA PRO A 13 -19.78 -2.76 19.77
C PRO A 13 -20.20 -2.02 18.49
N GLU A 14 -19.80 -0.74 18.37
CA GLU A 14 -20.13 0.08 17.18
C GLU A 14 -19.39 -0.51 15.97
N ASP A 15 -19.81 -0.10 14.78
CA ASP A 15 -19.14 -0.46 13.52
C ASP A 15 -17.69 0.06 13.56
N ILE A 16 -16.76 -0.65 12.94
CA ILE A 16 -15.37 -0.16 12.71
C ILE A 16 -15.31 0.26 11.24
N VAL A 17 -14.92 1.50 10.97
CA VAL A 17 -14.81 2.08 9.61
C VAL A 17 -13.36 1.93 9.15
N LEU A 18 -13.15 1.33 7.97
CA LEU A 18 -11.79 1.06 7.43
C LEU A 18 -11.57 1.97 6.23
N GLU A 19 -10.30 2.16 5.85
CA GLU A 19 -9.91 2.93 4.64
C GLU A 19 -9.81 2.00 3.44
N ALA A 20 -9.90 0.68 3.64
CA ALA A 20 -9.77 -0.37 2.61
C ALA A 20 -10.50 -1.63 3.08
N PRO A 21 -11.18 -2.36 2.18
CA PRO A 21 -11.95 -3.56 2.56
C PRO A 21 -11.04 -4.71 3.02
N ALA A 22 -11.50 -5.53 3.98
CA ALA A 22 -10.73 -6.62 4.62
C ALA A 22 -11.28 -7.99 4.27
N SER A 23 -10.44 -8.90 3.73
CA SER A 23 -10.81 -10.34 3.55
C SER A 23 -10.37 -11.17 4.75
N GLY A 24 -9.36 -10.70 5.50
CA GLY A 24 -8.90 -11.41 6.70
C GLY A 24 -9.61 -10.85 7.91
N LEU A 25 -10.10 -11.72 8.78
CA LEU A 25 -10.83 -11.32 9.99
C LEU A 25 -10.71 -12.46 10.99
N ALA A 26 -10.40 -12.15 12.26
CA ALA A 26 -10.37 -13.18 13.31
C ALA A 26 -10.50 -12.53 14.67
N PHE A 27 -11.17 -13.24 15.57
CA PHE A 27 -11.29 -12.82 16.99
C PHE A 27 -10.20 -13.49 17.83
N HIS A 28 -9.70 -12.81 18.86
CA HIS A 28 -8.72 -13.33 19.86
C HIS A 28 -9.42 -14.37 20.74
N PRO A 29 -8.78 -15.49 21.08
CA PRO A 29 -9.46 -16.54 21.81
C PRO A 29 -9.68 -16.28 23.31
N ALA A 30 -9.22 -15.16 23.86
CA ALA A 30 -9.31 -14.90 25.32
C ALA A 30 -9.42 -13.39 25.68
N ARG A 31 -9.32 -12.48 24.70
CA ARG A 31 -9.36 -11.01 24.90
C ARG A 31 -10.39 -10.43 23.94
N ASP A 32 -10.89 -9.24 24.25
CA ASP A 32 -11.82 -8.52 23.35
C ASP A 32 -10.98 -7.84 22.28
N LEU A 33 -10.30 -8.62 21.41
CA LEU A 33 -9.52 -8.10 20.25
C LEU A 33 -10.06 -8.72 18.95
N LEU A 34 -10.14 -7.92 17.90
CA LEU A 34 -10.54 -8.35 16.53
C LEU A 34 -9.40 -7.92 15.59
N ALA A 35 -8.86 -8.86 14.83
CA ALA A 35 -7.83 -8.61 13.79
C ALA A 35 -8.49 -8.53 12.42
N ALA A 36 -7.98 -7.69 11.53
CA ALA A 36 -8.45 -7.62 10.12
C ALA A 36 -7.22 -7.49 9.23
N GLY A 37 -7.23 -8.11 8.06
CA GLY A 37 -6.19 -7.90 7.02
C GLY A 37 -6.85 -7.41 5.77
N ASP A 38 -6.28 -6.38 5.12
CA ASP A 38 -6.98 -5.65 4.04
C ASP A 38 -6.29 -5.83 2.69
N VAL A 39 -6.98 -5.34 1.67
CA VAL A 39 -6.67 -5.49 0.23
C VAL A 39 -5.36 -4.75 -0.10
N ASP A 40 -4.89 -3.84 0.77
CA ASP A 40 -3.61 -3.13 0.53
C ASP A 40 -2.49 -4.00 1.05
N GLY A 41 -2.79 -4.85 2.06
CA GLY A 41 -1.81 -5.67 2.76
C GLY A 41 -1.67 -5.29 4.23
N ASP A 42 -2.36 -4.27 4.71
CA ASP A 42 -2.21 -3.85 6.11
C ASP A 42 -2.99 -4.79 7.03
N VAL A 43 -2.51 -4.84 8.25
CA VAL A 43 -3.10 -5.71 9.31
C VAL A 43 -3.39 -4.80 10.50
N PHE A 44 -4.62 -4.83 11.03
CA PHE A 44 -5.06 -4.02 12.17
C PHE A 44 -5.57 -4.94 13.30
N VAL A 45 -5.29 -4.59 14.57
CA VAL A 45 -5.95 -5.22 15.74
C VAL A 45 -6.75 -4.14 16.49
N PHE A 46 -8.03 -4.42 16.75
CA PHE A 46 -8.98 -3.48 17.41
C PHE A 46 -9.40 -4.08 18.74
N SER A 47 -9.32 -3.27 19.80
CA SER A 47 -9.88 -3.57 21.13
C SER A 47 -11.33 -3.08 21.09
N TYR A 48 -12.30 -3.98 21.18
CA TYR A 48 -13.73 -3.63 20.98
C TYR A 48 -14.43 -3.61 22.35
N SER A 49 -15.49 -2.81 22.45
CA SER A 49 -16.27 -2.65 23.70
C SER A 49 -17.71 -2.30 23.34
N CYS A 50 -18.64 -2.74 24.19
CA CYS A 50 -20.08 -2.38 24.07
C CYS A 50 -20.32 -0.90 24.47
N GLN A 51 -19.42 -0.27 25.22
CA GLN A 51 -19.48 1.18 25.55
C GLN A 51 -19.20 2.05 24.32
N GLU A 52 -20.12 2.96 23.96
CA GLU A 52 -19.93 3.95 22.86
C GLU A 52 -18.57 4.64 23.02
N GLY A 53 -17.78 4.73 21.95
CA GLY A 53 -16.51 5.48 21.87
C GLY A 53 -15.30 4.75 22.46
N GLU A 54 -15.47 3.58 23.09
CA GLU A 54 -14.37 2.83 23.76
C GLU A 54 -13.69 1.80 22.83
N THR A 55 -14.19 1.56 21.61
CA THR A 55 -13.54 0.73 20.55
C THR A 55 -12.42 1.53 19.86
N LYS A 56 -11.15 1.12 20.04
CA LYS A 56 -9.95 1.79 19.46
C LYS A 56 -9.06 0.77 18.70
N GLU A 57 -8.35 1.26 17.70
CA GLU A 57 -7.19 0.58 17.07
C GLU A 57 -6.11 0.34 18.12
N LEU A 58 -5.68 -0.90 18.33
CA LEU A 58 -4.59 -1.22 19.29
C LEU A 58 -3.25 -1.11 18.58
N TRP A 59 -3.13 -1.65 17.37
CA TRP A 59 -1.91 -1.50 16.54
C TRP A 59 -2.24 -1.84 15.09
N SER A 60 -1.33 -1.42 14.21
CA SER A 60 -1.29 -1.80 12.77
C SER A 60 0.10 -2.31 12.40
N SER A 61 0.15 -3.17 11.37
CA SER A 61 1.40 -3.71 10.77
C SER A 61 1.30 -3.63 9.25
N GLY A 62 2.25 -2.98 8.62
CA GLY A 62 2.23 -2.77 7.16
C GLY A 62 3.29 -3.57 6.47
N HIS A 63 3.71 -4.70 7.04
CA HIS A 63 4.87 -5.47 6.53
C HIS A 63 4.54 -6.22 5.22
N HIS A 64 3.30 -6.67 5.03
CA HIS A 64 2.97 -7.36 3.76
C HIS A 64 3.13 -6.39 2.59
N LEU A 65 3.48 -6.88 1.42
CA LEU A 65 3.71 -6.06 0.21
C LEU A 65 2.46 -6.03 -0.67
N LYS A 66 1.51 -6.96 -0.45
CA LYS A 66 0.25 -7.08 -1.22
C LYS A 66 -0.85 -7.56 -0.27
N ALA A 67 -2.09 -7.59 -0.77
CA ALA A 67 -3.34 -7.95 -0.06
C ALA A 67 -3.10 -9.05 0.98
N CYS A 68 -3.58 -8.78 2.17
CA CYS A 68 -3.55 -9.77 3.26
C CYS A 68 -4.88 -10.51 3.17
N ARG A 69 -4.82 -11.82 2.88
N ARG A 69 -4.86 -11.81 2.84
CA ARG A 69 -5.99 -12.64 2.50
CA ARG A 69 -6.12 -12.58 2.54
C ARG A 69 -6.61 -13.37 3.73
C ARG A 69 -6.69 -13.24 3.81
N ALA A 70 -5.87 -13.56 4.81
CA ALA A 70 -6.36 -14.31 6.00
C ALA A 70 -5.46 -14.01 7.19
N VAL A 71 -6.07 -14.05 8.38
CA VAL A 71 -5.34 -13.85 9.64
C VAL A 71 -5.94 -14.83 10.65
N ALA A 72 -5.14 -15.26 11.60
CA ALA A 72 -5.59 -16.13 12.72
C ALA A 72 -4.74 -15.84 13.96
N PHE A 73 -5.39 -15.75 15.13
CA PHE A 73 -4.71 -15.71 16.46
C PHE A 73 -4.32 -17.11 16.91
N SER A 74 -3.09 -17.27 17.43
CA SER A 74 -2.62 -18.54 18.02
C SER A 74 -3.55 -18.86 19.22
N GLU A 75 -3.73 -20.14 19.54
CA GLU A 75 -4.62 -20.63 20.64
C GLU A 75 -4.11 -20.08 21.97
N ASP A 76 -2.80 -19.88 22.14
CA ASP A 76 -2.22 -19.33 23.39
C ASP A 76 -2.42 -17.80 23.50
N GLY A 77 -2.95 -17.14 22.46
CA GLY A 77 -3.27 -15.70 22.47
C GLY A 77 -2.08 -14.76 22.30
N GLN A 78 -0.86 -15.26 22.07
CA GLN A 78 0.40 -14.46 22.03
C GLN A 78 0.70 -13.96 20.61
N LYS A 79 0.20 -14.65 19.56
CA LYS A 79 0.64 -14.36 18.17
C LYS A 79 -0.56 -14.15 17.24
N LEU A 80 -0.35 -13.38 16.18
CA LEU A 80 -1.30 -13.29 15.04
C LEU A 80 -0.50 -13.69 13.81
N ILE A 81 -0.97 -14.72 13.12
CA ILE A 81 -0.35 -15.24 11.89
C ILE A 81 -1.16 -14.72 10.72
N THR A 82 -0.49 -14.33 9.64
CA THR A 82 -1.13 -13.61 8.53
C THR A 82 -0.57 -14.16 7.23
N VAL A 83 -1.39 -14.21 6.19
CA VAL A 83 -0.90 -14.62 4.86
C VAL A 83 -1.39 -13.65 3.79
N SER A 84 -0.67 -13.64 2.67
CA SER A 84 -0.79 -12.54 1.70
C SER A 84 -0.65 -13.01 0.25
N LYS A 85 -1.19 -12.19 -0.64
CA LYS A 85 -0.88 -12.22 -2.09
C LYS A 85 0.63 -12.07 -2.38
N ASP A 86 1.39 -11.54 -1.44
CA ASP A 86 2.85 -11.37 -1.58
C ASP A 86 3.56 -12.71 -1.41
N LYS A 87 2.84 -13.80 -1.13
CA LYS A 87 3.35 -15.21 -1.07
C LYS A 87 4.12 -15.51 0.23
N ALA A 88 3.95 -14.69 1.26
CA ALA A 88 4.58 -14.79 2.58
C ALA A 88 3.58 -15.16 3.66
N ILE A 89 4.13 -15.83 4.66
CA ILE A 89 3.52 -15.98 6.00
C ILE A 89 4.25 -15.07 6.97
N HIS A 90 3.48 -14.33 7.75
CA HIS A 90 3.97 -13.49 8.86
C HIS A 90 3.48 -14.02 10.19
N VAL A 91 4.33 -13.87 11.18
CA VAL A 91 4.01 -14.10 12.60
C VAL A 91 4.26 -12.76 13.30
N LEU A 92 3.19 -12.13 13.81
CA LEU A 92 3.21 -10.84 14.57
C LEU A 92 2.98 -11.14 16.06
N ASP A 93 3.64 -10.39 16.94
CA ASP A 93 3.42 -10.35 18.42
C ASP A 93 2.12 -9.57 18.69
N VAL A 94 1.24 -10.11 19.51
CA VAL A 94 -0.09 -9.47 19.79
C VAL A 94 0.08 -8.21 20.64
N GLU A 95 1.18 -8.12 21.39
CA GLU A 95 1.48 -6.96 22.31
C GLU A 95 1.41 -5.65 21.49
N GLN A 96 2.20 -5.55 20.42
CA GLN A 96 2.32 -4.27 19.69
C GLN A 96 2.43 -4.51 18.18
N GLY A 97 2.18 -5.74 17.67
CA GLY A 97 2.16 -5.99 16.22
C GLY A 97 3.57 -6.11 15.61
N GLN A 98 4.60 -6.26 16.44
CA GLN A 98 6.00 -6.44 15.97
C GLN A 98 6.11 -7.71 15.10
N LEU A 99 6.80 -7.63 13.95
CA LEU A 99 7.02 -8.83 13.10
C LEU A 99 8.04 -9.75 13.76
N GLU A 100 7.69 -10.97 14.08
CA GLU A 100 8.65 -11.93 14.68
C GLU A 100 9.28 -12.75 13.55
N ARG A 101 8.46 -13.16 12.58
CA ARG A 101 8.91 -14.09 11.53
C ARG A 101 8.21 -13.77 10.23
N ARG A 102 8.99 -13.67 9.15
CA ARG A 102 8.48 -13.64 7.76
C ARG A 102 9.05 -14.83 7.01
N VAL A 103 8.20 -15.67 6.45
CA VAL A 103 8.62 -16.76 5.51
C VAL A 103 8.27 -16.32 4.11
N SER A 104 9.26 -15.83 3.37
CA SER A 104 9.05 -15.28 2.01
C SER A 104 8.95 -16.43 1.02
N LYS A 105 8.10 -16.29 0.02
CA LYS A 105 7.92 -17.32 -1.04
C LYS A 105 7.55 -18.65 -0.36
N ALA A 106 6.68 -18.59 0.64
CA ALA A 106 6.11 -19.75 1.33
C ALA A 106 5.36 -20.62 0.30
N HIS A 107 4.71 -19.97 -0.68
CA HIS A 107 4.13 -20.64 -1.88
C HIS A 107 4.67 -19.94 -3.13
N GLY A 108 4.57 -20.60 -4.29
CA GLY A 108 4.90 -19.98 -5.60
C GLY A 108 3.72 -19.19 -6.16
N ALA A 109 2.58 -19.17 -5.47
CA ALA A 109 1.39 -18.39 -5.87
C ALA A 109 0.87 -17.61 -4.68
N PRO A 110 0.01 -16.59 -4.90
CA PRO A 110 -0.65 -15.88 -3.80
C PRO A 110 -1.34 -16.83 -2.79
N ILE A 111 -1.18 -16.55 -1.51
CA ILE A 111 -1.77 -17.39 -0.42
C ILE A 111 -3.15 -16.82 -0.07
N ASN A 112 -4.15 -17.68 0.00
CA ASN A 112 -5.55 -17.23 0.22
C ASN A 112 -6.12 -17.71 1.58
N SER A 113 -5.60 -18.81 2.11
N SER A 113 -5.68 -18.87 2.04
CA SER A 113 -6.20 -19.53 3.25
CA SER A 113 -6.25 -19.61 3.20
C SER A 113 -5.15 -19.95 4.26
C SER A 113 -5.18 -19.93 4.24
N LEU A 114 -5.58 -20.01 5.53
CA LEU A 114 -4.69 -20.26 6.68
C LEU A 114 -5.51 -20.97 7.76
N LEU A 115 -4.94 -22.02 8.32
CA LEU A 115 -5.55 -22.74 9.46
C LEU A 115 -4.45 -23.19 10.42
N LEU A 116 -4.60 -22.84 11.70
CA LEU A 116 -3.65 -23.23 12.76
C LEU A 116 -4.12 -24.59 13.32
N VAL A 117 -3.27 -25.61 13.20
CA VAL A 117 -3.58 -27.01 13.60
C VAL A 117 -3.32 -27.11 15.11
N ASP A 118 -2.15 -26.66 15.59
CA ASP A 118 -1.80 -26.71 17.03
C ASP A 118 -0.74 -25.64 17.30
N GLU A 119 -0.08 -25.62 18.45
CA GLU A 119 0.83 -24.49 18.76
C GLU A 119 2.03 -24.49 17.78
N ASN A 120 2.40 -25.62 17.18
CA ASN A 120 3.56 -25.67 16.25
C ASN A 120 3.17 -25.74 14.76
N VAL A 121 2.02 -26.33 14.44
CA VAL A 121 1.72 -26.74 13.04
C VAL A 121 0.64 -25.82 12.47
N LEU A 122 0.82 -25.43 11.20
CA LEU A 122 -0.28 -24.72 10.47
C LEU A 122 -0.28 -25.16 9.00
N ALA A 123 -1.40 -24.91 8.34
CA ALA A 123 -1.65 -25.19 6.91
C ALA A 123 -1.89 -23.86 6.18
N THR A 124 -1.47 -23.79 4.92
CA THR A 124 -1.70 -22.63 4.05
C THR A 124 -2.14 -23.15 2.67
N GLY A 125 -3.06 -22.43 2.05
CA GLY A 125 -3.64 -22.76 0.74
C GLY A 125 -3.49 -21.60 -0.24
N ASP A 126 -3.09 -21.88 -1.48
CA ASP A 126 -2.82 -20.79 -2.45
C ASP A 126 -3.83 -20.76 -3.61
N ASP A 127 -3.67 -19.73 -4.48
CA ASP A 127 -4.66 -19.38 -5.53
C ASP A 127 -4.65 -20.42 -6.65
N THR A 128 -3.64 -21.26 -6.74
CA THR A 128 -3.56 -22.34 -7.76
C THR A 128 -3.95 -23.69 -7.13
N GLY A 129 -4.37 -23.73 -5.87
CA GLY A 129 -4.84 -24.95 -5.21
C GLY A 129 -3.77 -25.69 -4.40
N GLY A 130 -2.57 -25.15 -4.30
CA GLY A 130 -1.49 -25.79 -3.51
C GLY A 130 -1.80 -25.74 -2.03
N ILE A 131 -1.60 -26.85 -1.34
CA ILE A 131 -1.65 -26.98 0.15
C ILE A 131 -0.24 -27.19 0.68
N ARG A 132 0.16 -26.42 1.69
CA ARG A 132 1.40 -26.73 2.45
C ARG A 132 1.10 -26.85 3.95
N LEU A 133 1.78 -27.77 4.60
CA LEU A 133 1.80 -27.90 6.07
C LEU A 133 3.18 -27.49 6.56
N TRP A 134 3.20 -26.76 7.68
CA TRP A 134 4.37 -26.13 8.31
C TRP A 134 4.43 -26.54 9.78
N ASP A 135 5.65 -26.70 10.29
CA ASP A 135 5.95 -26.76 11.74
C ASP A 135 6.91 -25.61 12.02
N GLN A 136 6.57 -24.75 12.96
CA GLN A 136 7.41 -23.56 13.30
C GLN A 136 8.83 -24.02 13.73
N ARG A 137 8.99 -25.26 14.19
CA ARG A 137 10.30 -25.79 14.68
C ARG A 137 11.19 -26.29 13.53
N LYS A 138 10.63 -26.49 12.32
CA LYS A 138 11.31 -27.13 11.16
C LYS A 138 11.36 -26.12 10.00
N GLU A 139 12.50 -26.00 9.31
CA GLU A 139 12.65 -25.10 8.12
C GLU A 139 12.01 -25.84 6.93
N GLY A 140 11.17 -25.15 6.16
CA GLY A 140 10.56 -25.69 4.92
C GLY A 140 9.29 -26.49 5.21
N PRO A 141 8.43 -26.70 4.20
CA PRO A 141 7.16 -27.38 4.44
C PRO A 141 7.29 -28.87 4.84
N LEU A 142 6.37 -29.35 5.66
CA LEU A 142 6.21 -30.80 6.04
C LEU A 142 5.59 -31.55 4.86
N MET A 143 4.79 -30.84 4.07
CA MET A 143 3.96 -31.42 3.00
C MET A 143 3.71 -30.32 1.97
N ASP A 144 3.67 -30.73 0.70
CA ASP A 144 3.35 -29.84 -0.45
C ASP A 144 2.44 -30.63 -1.40
N MET A 145 1.16 -30.29 -1.49
CA MET A 145 0.14 -31.17 -2.17
C MET A 145 -0.61 -30.31 -3.16
N ARG A 146 -0.64 -30.73 -4.44
CA ARG A 146 -1.22 -29.90 -5.52
C ARG A 146 -2.34 -30.62 -6.28
N GLN A 147 -3.09 -31.50 -5.62
CA GLN A 147 -4.25 -32.21 -6.25
C GLN A 147 -5.35 -31.22 -6.64
N HIS A 148 -5.60 -30.14 -5.91
CA HIS A 148 -6.66 -29.18 -6.30
C HIS A 148 -6.19 -28.43 -7.57
N GLU A 149 -7.10 -28.00 -8.42
CA GLU A 149 -6.78 -27.33 -9.71
C GLU A 149 -7.03 -25.81 -9.65
N GLU A 150 -7.72 -25.34 -8.62
CA GLU A 150 -8.14 -23.92 -8.48
CA GLU A 150 -8.08 -23.91 -8.48
C GLU A 150 -7.92 -23.53 -7.02
N TYR A 151 -8.12 -22.25 -6.72
CA TYR A 151 -7.82 -21.63 -5.42
C TYR A 151 -8.42 -22.43 -4.23
N ILE A 152 -7.63 -22.43 -3.16
CA ILE A 152 -8.09 -22.92 -1.82
C ILE A 152 -8.92 -21.82 -1.17
N ALA A 153 -10.23 -22.01 -1.04
CA ALA A 153 -11.11 -20.95 -0.50
C ALA A 153 -11.06 -20.93 1.02
N ASP A 154 -10.99 -22.12 1.61
CA ASP A 154 -11.24 -22.26 3.06
C ASP A 154 -10.81 -23.65 3.51
N MET A 155 -10.59 -23.81 4.80
CA MET A 155 -10.11 -25.08 5.35
C MET A 155 -10.81 -25.28 6.71
N ALA A 156 -10.85 -26.52 7.13
CA ALA A 156 -11.42 -26.94 8.43
C ALA A 156 -10.64 -28.11 8.97
N LEU A 157 -10.76 -28.33 10.28
CA LEU A 157 -9.86 -29.26 11.02
C LEU A 157 -10.72 -30.31 11.75
N ASP A 158 -10.44 -31.56 11.48
CA ASP A 158 -10.91 -32.74 12.25
C ASP A 158 -10.80 -32.45 13.76
N PRO A 159 -11.85 -32.61 14.58
CA PRO A 159 -11.71 -32.48 16.05
C PRO A 159 -10.51 -33.26 16.62
N ALA A 160 -10.25 -34.45 16.06
CA ALA A 160 -9.16 -35.37 16.41
C ALA A 160 -7.81 -34.92 15.81
N LYS A 161 -7.80 -33.93 14.91
CA LYS A 161 -6.57 -33.30 14.35
C LYS A 161 -5.82 -34.27 13.43
N LYS A 162 -6.50 -35.29 12.89
CA LYS A 162 -5.90 -36.21 11.93
C LYS A 162 -6.09 -35.65 10.50
N LEU A 163 -7.27 -35.14 10.16
CA LEU A 163 -7.61 -34.78 8.75
C LEU A 163 -7.73 -33.25 8.61
N LEU A 164 -7.16 -32.73 7.51
CA LEU A 164 -7.39 -31.34 7.05
C LEU A 164 -8.39 -31.38 5.90
N LEU A 165 -9.47 -30.59 6.01
CA LEU A 165 -10.51 -30.52 4.96
C LEU A 165 -10.34 -29.19 4.19
N THR A 166 -10.42 -29.27 2.87
CA THR A 166 -10.18 -28.07 2.00
C THR A 166 -11.41 -27.84 1.12
N ALA A 167 -11.84 -26.58 0.96
CA ALA A 167 -12.86 -26.17 -0.03
C ALA A 167 -12.14 -25.43 -1.16
N SER A 168 -12.36 -25.81 -2.40
CA SER A 168 -11.67 -25.24 -3.58
C SER A 168 -12.66 -24.66 -4.59
N GLY A 169 -12.16 -23.74 -5.39
CA GLY A 169 -12.86 -23.23 -6.57
C GLY A 169 -13.09 -24.32 -7.60
N ASP A 170 -12.35 -25.44 -7.55
CA ASP A 170 -12.54 -26.59 -8.47
C ASP A 170 -13.85 -27.35 -8.15
N GLY A 171 -14.59 -26.95 -7.11
CA GLY A 171 -15.87 -27.57 -6.72
C GLY A 171 -15.69 -28.81 -5.88
N CYS A 172 -14.46 -29.12 -5.44
CA CYS A 172 -14.16 -30.35 -4.68
C CYS A 172 -13.88 -30.02 -3.21
N LEU A 173 -14.34 -30.91 -2.34
CA LEU A 173 -13.87 -31.03 -0.94
C LEU A 173 -12.61 -31.89 -0.96
N GLY A 174 -11.51 -31.38 -0.42
CA GLY A 174 -10.25 -32.11 -0.34
C GLY A 174 -10.03 -32.66 1.06
N ILE A 175 -9.41 -33.83 1.13
CA ILE A 175 -9.06 -34.50 2.41
C ILE A 175 -7.58 -34.82 2.41
N PHE A 176 -6.88 -34.33 3.42
CA PHE A 176 -5.42 -34.54 3.63
C PHE A 176 -5.20 -35.07 5.05
N ASN A 177 -4.29 -36.03 5.17
CA ASN A 177 -3.93 -36.62 6.50
C ASN A 177 -2.68 -35.91 7.01
N ILE A 178 -2.88 -35.04 8.01
CA ILE A 178 -1.86 -34.23 8.73
C ILE A 178 -0.79 -35.14 9.31
N LYS A 179 -1.18 -36.24 9.97
CA LYS A 179 -0.25 -37.11 10.75
C LYS A 179 0.63 -37.92 9.78
N ARG A 180 0.04 -38.43 8.68
CA ARG A 180 0.73 -39.22 7.62
C ARG A 180 1.38 -38.28 6.58
N ARG A 181 0.95 -37.02 6.51
CA ARG A 181 1.48 -36.01 5.53
C ARG A 181 1.16 -36.47 4.11
N ARG A 182 -0.10 -36.79 3.87
CA ARG A 182 -0.46 -37.33 2.53
C ARG A 182 -1.85 -36.89 2.11
N PHE A 183 -2.05 -36.91 0.80
CA PHE A 183 -3.37 -36.74 0.15
C PHE A 183 -4.21 -37.99 0.40
N GLU A 184 -5.47 -37.83 0.78
CA GLU A 184 -6.46 -38.94 0.85
C GLU A 184 -7.37 -38.92 -0.39
N LEU A 185 -8.18 -37.88 -0.59
CA LEU A 185 -9.11 -37.86 -1.75
C LEU A 185 -9.60 -36.44 -2.08
N LEU A 186 -10.09 -36.28 -3.30
CA LEU A 186 -10.98 -35.13 -3.67
C LEU A 186 -12.39 -35.69 -3.83
N SER A 187 -13.40 -34.97 -3.34
CA SER A 187 -14.82 -35.30 -3.60
C SER A 187 -15.08 -35.25 -5.10
N GLU A 188 -16.27 -35.75 -5.49
CA GLU A 188 -16.89 -35.43 -6.78
C GLU A 188 -16.98 -33.91 -6.85
N PRO A 189 -16.72 -33.31 -8.04
CA PRO A 189 -16.79 -31.87 -8.18
C PRO A 189 -18.24 -31.40 -8.27
N GLN A 190 -18.54 -30.34 -7.55
CA GLN A 190 -19.88 -29.71 -7.56
C GLN A 190 -19.95 -28.62 -8.64
N SER A 191 -21.17 -28.23 -9.00
CA SER A 191 -21.37 -27.17 -10.03
C SER A 191 -20.85 -25.82 -9.54
N GLY A 192 -21.12 -25.50 -8.27
CA GLY A 192 -20.67 -24.27 -7.57
C GLY A 192 -19.23 -24.42 -7.11
N ASP A 193 -18.49 -23.31 -7.12
CA ASP A 193 -17.16 -23.24 -6.46
C ASP A 193 -17.43 -23.39 -4.95
N LEU A 194 -16.58 -24.15 -4.25
CA LEU A 194 -16.77 -24.33 -2.79
C LEU A 194 -15.98 -23.24 -2.07
N THR A 195 -16.70 -22.32 -1.45
CA THR A 195 -16.11 -21.08 -0.90
C THR A 195 -15.77 -21.20 0.57
N SER A 196 -16.26 -22.24 1.24
CA SER A 196 -16.35 -22.25 2.73
C SER A 196 -16.56 -23.69 3.14
N VAL A 197 -15.95 -24.10 4.25
CA VAL A 197 -16.14 -25.46 4.78
C VAL A 197 -16.18 -25.36 6.31
N THR A 198 -17.19 -25.97 6.94
N THR A 198 -17.18 -26.03 6.90
CA THR A 198 -17.28 -26.04 8.43
CA THR A 198 -17.49 -26.05 8.36
C THR A 198 -17.94 -27.34 8.88
C THR A 198 -17.76 -27.52 8.75
N LEU A 199 -17.41 -27.88 9.97
CA LEU A 199 -17.94 -29.08 10.70
C LEU A 199 -19.18 -28.69 11.49
N MET A 200 -20.22 -29.52 11.43
CA MET A 200 -21.50 -29.34 12.14
C MET A 200 -21.95 -30.68 12.75
N LYS A 201 -22.93 -30.64 13.66
CA LYS A 201 -23.59 -31.86 14.21
C LYS A 201 -22.55 -32.73 14.94
N TRP A 202 -21.78 -32.14 15.86
CA TRP A 202 -20.77 -32.84 16.72
C TRP A 202 -19.74 -33.57 15.86
N GLY A 203 -19.35 -32.97 14.73
CA GLY A 203 -18.31 -33.54 13.88
C GLY A 203 -18.85 -34.61 12.95
N LYS A 204 -20.17 -34.68 12.75
CA LYS A 204 -20.78 -35.77 11.94
C LYS A 204 -21.01 -35.32 10.50
N LYS A 205 -21.09 -34.01 10.28
CA LYS A 205 -21.48 -33.45 8.97
C LYS A 205 -20.42 -32.40 8.57
N VAL A 206 -20.10 -32.35 7.29
CA VAL A 206 -19.32 -31.22 6.71
C VAL A 206 -20.29 -30.37 5.89
N ALA A 207 -20.39 -29.07 6.19
CA ALA A 207 -21.21 -28.11 5.41
C ALA A 207 -20.29 -27.22 4.53
N CYS A 208 -20.49 -27.21 3.21
CA CYS A 208 -19.72 -26.37 2.26
C CYS A 208 -20.66 -25.38 1.55
N GLY A 209 -20.36 -24.09 1.62
CA GLY A 209 -21.05 -23.06 0.85
C GLY A 209 -20.54 -22.99 -0.57
N SER A 210 -21.40 -22.63 -1.54
CA SER A 210 -21.02 -22.56 -2.97
C SER A 210 -21.30 -21.18 -3.58
N SER A 211 -20.61 -20.90 -4.67
CA SER A 211 -20.72 -19.68 -5.50
C SER A 211 -22.10 -19.61 -6.20
N GLU A 212 -22.95 -20.64 -6.06
CA GLU A 212 -24.33 -20.65 -6.62
C GLU A 212 -25.36 -20.41 -5.52
N GLY A 213 -24.94 -20.29 -4.24
CA GLY A 213 -25.86 -20.07 -3.12
C GLY A 213 -26.44 -21.38 -2.61
N THR A 214 -25.74 -22.50 -2.81
CA THR A 214 -26.11 -23.85 -2.29
C THR A 214 -25.22 -24.19 -1.09
N ILE A 215 -25.78 -24.83 -0.05
CA ILE A 215 -24.99 -25.56 1.00
C ILE A 215 -25.04 -27.05 0.71
N TYR A 216 -23.86 -27.66 0.53
CA TYR A 216 -23.63 -29.11 0.35
C TYR A 216 -23.35 -29.72 1.73
N LEU A 217 -23.96 -30.86 2.07
CA LEU A 217 -23.54 -31.65 3.27
C LEU A 217 -22.85 -32.94 2.81
N PHE A 218 -21.76 -33.27 3.49
CA PHE A 218 -21.08 -34.58 3.43
C PHE A 218 -21.16 -35.21 4.83
N ASN A 219 -21.27 -36.53 4.87
CA ASN A 219 -21.12 -37.34 6.10
C ASN A 219 -19.63 -37.40 6.45
N TRP A 220 -19.30 -37.30 7.74
CA TRP A 220 -17.95 -37.64 8.27
C TRP A 220 -17.57 -39.02 7.78
N ASN A 221 -16.41 -39.14 7.13
CA ASN A 221 -15.86 -40.38 6.50
C ASN A 221 -16.76 -40.88 5.36
N GLY A 222 -17.57 -39.98 4.77
CA GLY A 222 -18.27 -40.16 3.48
C GLY A 222 -17.96 -38.99 2.56
N PHE A 223 -16.70 -38.68 2.40
CA PHE A 223 -16.19 -37.41 1.80
C PHE A 223 -16.20 -37.47 0.27
N GLY A 224 -16.44 -38.64 -0.33
CA GLY A 224 -16.42 -38.81 -1.81
C GLY A 224 -17.57 -38.10 -2.54
N ALA A 225 -18.69 -37.86 -1.89
CA ALA A 225 -19.93 -37.39 -2.56
C ALA A 225 -20.85 -36.80 -1.50
N THR A 226 -21.68 -35.85 -1.89
CA THR A 226 -22.61 -35.19 -0.95
C THR A 226 -23.65 -36.21 -0.48
N SER A 227 -24.11 -36.06 0.76
CA SER A 227 -25.27 -36.77 1.33
C SER A 227 -26.53 -35.90 1.29
N ASP A 228 -26.42 -34.59 1.00
CA ASP A 228 -27.60 -33.70 1.03
C ASP A 228 -27.18 -32.33 0.50
N ARG A 229 -28.14 -31.46 0.21
CA ARG A 229 -27.90 -30.13 -0.38
C ARG A 229 -29.19 -29.34 -0.28
N PHE A 230 -29.07 -28.03 -0.14
CA PHE A 230 -30.23 -27.12 -0.29
C PHE A 230 -29.73 -25.73 -0.69
N ALA A 231 -30.63 -25.01 -1.35
CA ALA A 231 -30.37 -23.67 -1.92
C ALA A 231 -30.84 -22.63 -0.89
N LEU A 232 -30.09 -21.55 -0.74
CA LEU A 232 -30.59 -20.27 -0.17
C LEU A 232 -31.19 -19.46 -1.31
N ARG A 233 -31.97 -18.42 -0.96
CA ARG A 233 -32.54 -17.46 -1.94
C ARG A 233 -31.47 -16.39 -2.21
N ALA A 234 -30.20 -16.79 -2.36
CA ALA A 234 -29.04 -15.89 -2.54
C ALA A 234 -28.24 -16.41 -3.72
N GLU A 235 -27.71 -15.52 -4.55
CA GLU A 235 -26.88 -15.87 -5.74
C GLU A 235 -25.59 -16.60 -5.28
N SER A 236 -25.07 -16.35 -4.08
CA SER A 236 -23.76 -16.93 -3.67
C SER A 236 -23.69 -17.02 -2.15
N ILE A 237 -22.87 -17.94 -1.67
CA ILE A 237 -22.38 -17.95 -0.27
C ILE A 237 -20.86 -17.82 -0.37
N ASP A 238 -20.28 -16.84 0.28
CA ASP A 238 -18.83 -16.55 0.18
C ASP A 238 -18.10 -16.75 1.49
N CYS A 239 -18.79 -16.98 2.60
CA CYS A 239 -18.17 -17.20 3.93
C CYS A 239 -19.22 -17.81 4.85
N MET A 240 -18.79 -18.65 5.79
CA MET A 240 -19.67 -19.29 6.80
C MET A 240 -18.90 -19.43 8.11
N VAL A 241 -19.59 -19.32 9.22
CA VAL A 241 -19.02 -19.65 10.55
C VAL A 241 -20.09 -20.37 11.37
N PRO A 242 -19.72 -21.45 12.08
CA PRO A 242 -20.67 -22.14 12.96
C PRO A 242 -20.96 -21.31 14.20
N VAL A 243 -22.22 -21.27 14.65
CA VAL A 243 -22.64 -20.56 15.91
C VAL A 243 -22.98 -21.62 16.98
N THR A 244 -23.65 -22.71 16.60
CA THR A 244 -23.93 -23.89 17.47
C THR A 244 -23.60 -25.14 16.68
N GLU A 245 -23.95 -26.31 17.19
CA GLU A 245 -23.74 -27.59 16.46
C GLU A 245 -24.73 -27.73 15.30
N SER A 246 -25.79 -26.91 15.27
CA SER A 246 -26.85 -26.95 14.24
C SER A 246 -27.03 -25.61 13.52
N LEU A 247 -26.50 -24.51 14.05
CA LEU A 247 -26.72 -23.18 13.44
C LEU A 247 -25.39 -22.62 12.94
N LEU A 248 -25.37 -22.15 11.71
CA LEU A 248 -24.23 -21.38 11.17
C LEU A 248 -24.77 -20.08 10.59
N CYS A 249 -23.85 -19.15 10.28
CA CYS A 249 -24.15 -17.89 9.58
C CYS A 249 -23.35 -17.88 8.26
N THR A 250 -23.94 -17.33 7.22
CA THR A 250 -23.42 -17.19 5.83
C THR A 250 -23.33 -15.70 5.50
N GLY A 251 -22.38 -15.33 4.64
CA GLY A 251 -22.30 -14.02 4.00
C GLY A 251 -22.31 -14.23 2.52
N SER A 252 -22.95 -13.31 1.79
CA SER A 252 -23.20 -13.42 0.34
C SER A 252 -22.86 -12.10 -0.34
N THR A 253 -22.79 -12.14 -1.67
CA THR A 253 -22.45 -10.99 -2.53
C THR A 253 -23.55 -9.92 -2.46
N ASP A 254 -24.76 -10.26 -1.97
CA ASP A 254 -25.89 -9.29 -1.81
C ASP A 254 -25.73 -8.50 -0.52
N GLY A 255 -24.73 -8.82 0.31
CA GLY A 255 -24.44 -8.04 1.52
C GLY A 255 -25.21 -8.53 2.72
N VAL A 256 -26.02 -9.58 2.55
CA VAL A 256 -26.89 -10.07 3.66
C VAL A 256 -26.17 -11.18 4.39
N ILE A 257 -26.28 -11.16 5.71
CA ILE A 257 -25.80 -12.23 6.62
C ILE A 257 -27.02 -13.06 6.99
N ARG A 258 -27.02 -14.37 6.74
CA ARG A 258 -28.18 -15.24 7.05
C ARG A 258 -27.82 -16.22 8.15
N ALA A 259 -28.79 -16.50 9.02
CA ALA A 259 -28.73 -17.59 9.99
C ALA A 259 -29.38 -18.81 9.37
N VAL A 260 -28.65 -19.91 9.33
CA VAL A 260 -29.08 -21.15 8.65
C VAL A 260 -29.01 -22.32 9.64
N ASN A 261 -30.10 -23.07 9.76
CA ASN A 261 -30.14 -24.30 10.57
C ASN A 261 -29.78 -25.50 9.67
N ILE A 262 -29.08 -26.47 10.23
CA ILE A 262 -28.63 -27.71 9.54
C ILE A 262 -29.40 -28.89 10.16
N LEU A 263 -30.21 -29.56 9.32
CA LEU A 263 -30.95 -30.82 9.61
C LEU A 263 -31.72 -30.70 10.93
N PRO A 264 -32.89 -30.01 10.95
CA PRO A 264 -33.56 -29.57 9.72
C PRO A 264 -32.84 -28.43 8.97
N ASN A 265 -32.65 -28.60 7.67
CA ASN A 265 -32.10 -27.57 6.75
C ASN A 265 -33.13 -26.48 6.47
N ARG A 266 -32.92 -25.29 7.03
CA ARG A 266 -33.92 -24.19 7.04
C ARG A 266 -33.18 -22.86 7.22
N VAL A 267 -33.43 -21.84 6.40
CA VAL A 267 -32.96 -20.46 6.69
C VAL A 267 -33.80 -19.94 7.85
N VAL A 268 -33.19 -19.55 8.97
CA VAL A 268 -33.87 -19.03 10.18
C VAL A 268 -34.23 -17.55 9.97
N GLY A 269 -33.44 -16.76 9.22
CA GLY A 269 -33.64 -15.30 9.05
C GLY A 269 -32.36 -14.56 8.70
N SER A 270 -32.48 -13.29 8.30
CA SER A 270 -31.37 -12.33 8.10
C SER A 270 -30.88 -11.78 9.46
N VAL A 271 -29.58 -11.88 9.73
CA VAL A 271 -28.91 -11.35 10.95
C VAL A 271 -28.66 -9.85 10.75
N GLY A 272 -28.37 -9.44 9.52
CA GLY A 272 -28.06 -8.05 9.15
C GLY A 272 -27.47 -7.96 7.76
N GLN A 273 -27.06 -6.76 7.36
CA GLN A 273 -26.52 -6.56 6.00
C GLN A 273 -25.53 -5.40 6.03
N HIS A 274 -24.66 -5.45 5.03
CA HIS A 274 -23.78 -4.38 4.50
C HIS A 274 -24.44 -3.90 3.21
N THR A 275 -25.30 -2.87 3.31
CA THR A 275 -26.31 -2.55 2.26
C THR A 275 -25.70 -2.64 0.86
N GLY A 276 -26.12 -3.68 0.11
CA GLY A 276 -25.70 -3.93 -1.27
C GLY A 276 -24.18 -4.04 -1.48
N GLU A 277 -23.39 -4.40 -0.48
CA GLU A 277 -21.92 -4.60 -0.69
C GLU A 277 -21.59 -6.05 -0.31
N PRO A 278 -20.81 -6.80 -1.13
CA PRO A 278 -20.42 -8.16 -0.75
C PRO A 278 -19.89 -8.34 0.69
N VAL A 279 -20.29 -9.42 1.37
CA VAL A 279 -19.71 -9.81 2.68
C VAL A 279 -18.48 -10.67 2.37
N GLU A 280 -17.32 -10.28 2.87
CA GLU A 280 -16.03 -10.95 2.54
C GLU A 280 -15.76 -12.08 3.55
N GLU A 281 -15.98 -11.84 4.85
CA GLU A 281 -15.59 -12.81 5.89
C GLU A 281 -16.44 -12.62 7.14
N LEU A 282 -16.56 -13.69 7.94
CA LEU A 282 -17.29 -13.72 9.23
C LEU A 282 -16.37 -14.28 10.29
N ALA A 283 -16.60 -13.93 11.56
CA ALA A 283 -15.87 -14.51 12.70
C ALA A 283 -16.76 -14.44 13.94
N LEU A 284 -16.50 -15.32 14.88
CA LEU A 284 -17.29 -15.41 16.14
C LEU A 284 -16.38 -15.12 17.33
N SER A 285 -16.80 -14.20 18.20
CA SER A 285 -16.10 -13.79 19.45
C SER A 285 -15.89 -15.02 20.37
N HIS A 286 -14.79 -15.01 21.14
CA HIS A 286 -14.38 -16.13 22.02
C HIS A 286 -15.48 -16.35 23.08
N CYS A 287 -16.33 -15.36 23.32
CA CYS A 287 -17.38 -15.43 24.36
C CYS A 287 -18.68 -15.98 23.76
N GLY A 288 -18.76 -16.09 22.43
CA GLY A 288 -19.98 -16.52 21.72
C GLY A 288 -20.98 -15.39 21.54
N ARG A 289 -20.79 -14.21 22.13
CA ARG A 289 -21.83 -13.15 22.10
C ARG A 289 -21.89 -12.42 20.75
N PHE A 290 -20.78 -12.27 20.03
CA PHE A 290 -20.77 -11.37 18.85
C PHE A 290 -20.31 -12.12 17.59
N LEU A 291 -21.02 -11.88 16.51
CA LEU A 291 -20.58 -12.22 15.12
C LEU A 291 -19.96 -10.94 14.54
N ALA A 292 -18.74 -11.00 13.98
CA ALA A 292 -18.22 -9.89 13.15
C ALA A 292 -18.34 -10.25 11.68
N SER A 293 -18.68 -9.27 10.84
CA SER A 293 -18.76 -9.40 9.37
C SER A 293 -17.95 -8.26 8.78
N SER A 294 -17.17 -8.56 7.76
CA SER A 294 -16.35 -7.58 7.02
C SER A 294 -16.93 -7.46 5.61
N GLY A 295 -17.17 -6.24 5.15
CA GLY A 295 -17.90 -5.98 3.90
C GLY A 295 -17.12 -5.11 2.96
N HIS A 296 -17.50 -5.13 1.69
CA HIS A 296 -16.95 -4.24 0.62
C HIS A 296 -17.36 -2.78 0.89
N ASP A 297 -18.24 -2.49 1.87
CA ASP A 297 -18.56 -1.12 2.35
C ASP A 297 -17.43 -0.58 3.25
N GLN A 298 -16.41 -1.40 3.54
CA GLN A 298 -15.25 -1.00 4.37
C GLN A 298 -15.73 -0.81 5.80
N ARG A 299 -16.60 -1.71 6.26
CA ARG A 299 -17.03 -1.76 7.69
CA ARG A 299 -17.08 -1.77 7.67
C ARG A 299 -16.86 -3.17 8.25
N LEU A 300 -16.43 -3.22 9.50
CA LEU A 300 -16.57 -4.38 10.38
C LEU A 300 -17.83 -4.10 11.19
N LYS A 301 -18.82 -4.97 11.09
CA LYS A 301 -20.10 -4.82 11.85
C LYS A 301 -20.19 -5.97 12.85
N PHE A 302 -20.72 -5.69 14.04
CA PHE A 302 -20.94 -6.67 15.11
C PHE A 302 -22.45 -6.95 15.26
N TRP A 303 -22.79 -8.22 15.38
CA TRP A 303 -24.20 -8.72 15.46
C TRP A 303 -24.39 -9.51 16.78
N ASP A 304 -25.53 -9.31 17.42
CA ASP A 304 -25.86 -9.95 18.72
C ASP A 304 -26.33 -11.40 18.51
N MET A 305 -25.59 -12.39 19.02
CA MET A 305 -25.89 -13.83 18.83
C MET A 305 -26.78 -14.37 19.97
N ALA A 306 -26.99 -13.62 21.07
CA ALA A 306 -27.86 -14.08 22.19
C ALA A 306 -29.29 -14.12 21.67
N GLN A 307 -29.73 -12.99 21.10
CA GLN A 307 -30.96 -12.84 20.27
C GLN A 307 -31.14 -14.12 19.44
N LEU A 308 -30.15 -14.48 18.62
CA LEU A 308 -30.30 -15.53 17.58
C LEU A 308 -30.29 -16.94 18.21
N ARG A 309 -29.48 -17.21 19.23
CA ARG A 309 -29.29 -18.55 19.87
C ARG A 309 -30.61 -19.03 20.54
N ALA A 310 -31.66 -18.20 20.60
CA ALA A 310 -32.95 -18.53 21.26
C ALA A 310 -34.05 -18.79 20.22
N PRO B 6 32.58 0.14 -33.69
CA PRO B 6 32.72 1.63 -33.77
C PRO B 6 32.13 2.42 -32.58
N THR B 7 32.92 3.33 -32.01
CA THR B 7 32.52 4.30 -30.97
C THR B 7 31.80 5.49 -31.63
N ARG B 8 30.56 5.76 -31.23
CA ARG B 8 29.72 6.88 -31.74
C ARG B 8 29.40 7.79 -30.55
N ILE B 9 30.12 8.89 -30.33
CA ILE B 9 29.95 9.67 -29.07
C ILE B 9 29.25 10.99 -29.40
N ARG B 10 28.34 11.40 -28.50
CA ARG B 10 27.62 12.71 -28.58
C ARG B 10 28.03 13.58 -27.40
N ASP B 11 27.55 14.83 -27.39
CA ASP B 11 27.83 15.86 -26.35
C ASP B 11 26.99 15.54 -25.10
N THR B 12 25.83 14.91 -25.31
CA THR B 12 24.89 14.54 -24.23
C THR B 12 24.36 13.14 -24.48
N PRO B 13 23.77 12.48 -23.46
CA PRO B 13 22.94 11.33 -23.77
C PRO B 13 21.74 11.66 -24.67
N GLU B 14 21.39 10.70 -25.49
CA GLU B 14 20.19 10.73 -26.38
C GLU B 14 18.92 10.97 -25.56
N ASP B 15 17.92 11.59 -26.16
CA ASP B 15 16.59 11.68 -25.54
C ASP B 15 16.06 10.28 -25.18
N ILE B 16 15.32 10.20 -24.07
CA ILE B 16 14.56 9.00 -23.70
C ILE B 16 13.09 9.26 -24.07
N VAL B 17 12.51 8.37 -24.86
CA VAL B 17 11.11 8.54 -25.37
C VAL B 17 10.22 7.60 -24.56
N LEU B 18 9.25 8.16 -23.85
CA LEU B 18 8.34 7.44 -22.94
C LEU B 18 6.99 7.31 -23.64
N GLU B 19 6.14 6.43 -23.14
CA GLU B 19 4.77 6.19 -23.65
C GLU B 19 3.79 7.08 -22.88
N ALA B 20 4.22 7.65 -21.75
CA ALA B 20 3.38 8.53 -20.92
C ALA B 20 4.27 9.57 -20.25
N PRO B 21 3.73 10.79 -20.04
CA PRO B 21 4.53 11.89 -19.48
C PRO B 21 4.84 11.63 -17.99
N ALA B 22 6.01 12.08 -17.54
CA ALA B 22 6.47 11.79 -16.17
C ALA B 22 6.62 13.09 -15.37
N SER B 23 5.96 13.13 -14.19
CA SER B 23 6.16 14.20 -13.19
C SER B 23 7.27 13.85 -12.20
N GLY B 24 7.59 12.56 -12.05
CA GLY B 24 8.69 12.07 -11.23
C GLY B 24 10.00 12.02 -12.00
N LEU B 25 11.09 12.58 -11.46
CA LEU B 25 12.41 12.56 -12.13
C LEU B 25 13.52 12.70 -11.10
N ALA B 26 14.56 11.87 -11.18
CA ALA B 26 15.69 12.02 -10.25
C ALA B 26 16.90 11.30 -10.79
N PHE B 27 18.05 11.87 -10.47
CA PHE B 27 19.36 11.25 -10.79
C PHE B 27 19.89 10.48 -9.59
N HIS B 28 20.64 9.42 -9.88
CA HIS B 28 21.33 8.60 -8.85
C HIS B 28 22.54 9.36 -8.31
N PRO B 29 22.79 9.30 -7.00
CA PRO B 29 23.84 10.10 -6.39
C PRO B 29 25.29 9.67 -6.74
N ALA B 30 25.50 8.51 -7.34
CA ALA B 30 26.88 7.98 -7.57
C ALA B 30 27.04 7.29 -8.93
N ARG B 31 25.96 6.82 -9.55
CA ARG B 31 25.98 6.08 -10.84
C ARG B 31 25.25 6.88 -11.93
N ASP B 32 25.45 6.46 -13.19
CA ASP B 32 24.82 7.09 -14.37
C ASP B 32 23.46 6.44 -14.56
N LEU B 33 22.55 6.67 -13.59
CA LEU B 33 21.15 6.21 -13.65
C LEU B 33 20.20 7.39 -13.43
N LEU B 34 19.10 7.37 -14.16
CA LEU B 34 18.05 8.39 -14.13
C LEU B 34 16.74 7.67 -13.92
N ALA B 35 15.98 8.05 -12.89
CA ALA B 35 14.67 7.46 -12.62
C ALA B 35 13.56 8.41 -13.09
N ALA B 36 12.43 7.85 -13.48
CA ALA B 36 11.21 8.60 -13.81
C ALA B 36 9.97 7.86 -13.31
N GLY B 37 8.94 8.64 -12.99
CA GLY B 37 7.66 8.11 -12.55
C GLY B 37 6.60 8.83 -13.37
N ASP B 38 5.67 8.05 -13.95
CA ASP B 38 4.75 8.59 -14.97
C ASP B 38 3.29 8.62 -14.49
N VAL B 39 2.45 9.20 -15.33
CA VAL B 39 1.03 9.55 -14.99
C VAL B 39 0.17 8.27 -14.90
N ASP B 40 0.64 7.12 -15.39
CA ASP B 40 -0.09 5.84 -15.18
C ASP B 40 0.40 5.11 -13.92
N GLY B 41 1.47 5.55 -13.25
CA GLY B 41 1.97 4.91 -12.01
C GLY B 41 3.28 4.15 -12.22
N ASP B 42 3.71 3.98 -13.47
CA ASP B 42 4.89 3.16 -13.78
C ASP B 42 6.14 3.93 -13.39
N VAL B 43 7.15 3.20 -12.96
CA VAL B 43 8.45 3.78 -12.55
C VAL B 43 9.53 3.09 -13.38
N PHE B 44 10.45 3.89 -13.91
CA PHE B 44 11.58 3.42 -14.75
C PHE B 44 12.91 3.87 -14.17
N VAL B 45 13.92 3.04 -14.35
CA VAL B 45 15.34 3.44 -14.20
C VAL B 45 16.02 3.20 -15.55
N PHE B 46 16.73 4.23 -16.03
CA PHE B 46 17.50 4.23 -17.29
C PHE B 46 18.97 4.39 -16.96
N SER B 47 19.79 3.58 -17.62
CA SER B 47 21.25 3.81 -17.68
CA SER B 47 21.25 3.83 -17.68
C SER B 47 21.48 4.91 -18.73
N TYR B 48 22.30 5.93 -18.47
CA TYR B 48 22.57 6.93 -19.52
C TYR B 48 24.05 7.00 -19.86
N SER B 49 24.31 7.39 -21.13
CA SER B 49 25.68 7.49 -21.66
C SER B 49 25.70 8.45 -22.86
N CYS B 50 26.81 9.13 -23.03
CA CYS B 50 27.12 9.90 -24.27
C CYS B 50 27.38 8.97 -25.47
N GLN B 51 27.58 7.67 -25.28
CA GLN B 51 27.73 6.77 -26.43
C GLN B 51 26.34 6.44 -27.00
N GLU B 52 26.19 6.53 -28.33
CA GLU B 52 24.94 6.15 -29.06
C GLU B 52 24.60 4.71 -28.76
N GLY B 53 23.32 4.47 -28.47
CA GLY B 53 22.74 3.15 -28.15
C GLY B 53 22.94 2.75 -26.69
N GLU B 54 23.68 3.51 -25.89
CA GLU B 54 24.00 3.09 -24.50
C GLU B 54 23.08 3.75 -23.47
N THR B 55 22.10 4.57 -23.89
CA THR B 55 21.07 5.15 -22.97
C THR B 55 19.82 4.29 -23.12
N LYS B 56 19.45 3.49 -22.10
CA LYS B 56 18.37 2.49 -22.25
C LYS B 56 17.80 2.07 -20.89
N GLU B 57 16.64 1.44 -20.94
CA GLU B 57 15.87 1.05 -19.74
C GLU B 57 16.64 -0.04 -19.02
N LEU B 58 16.88 0.14 -17.72
CA LEU B 58 17.45 -0.90 -16.82
C LEU B 58 16.31 -1.78 -16.27
N TRP B 59 15.18 -1.18 -15.84
CA TRP B 59 14.01 -1.92 -15.33
C TRP B 59 12.80 -0.99 -15.29
N SER B 60 11.61 -1.56 -15.25
CA SER B 60 10.34 -0.84 -15.01
C SER B 60 9.60 -1.54 -13.89
N SER B 61 8.77 -0.82 -13.17
CA SER B 61 8.01 -1.37 -12.02
C SER B 61 6.63 -0.73 -12.05
N GLY B 62 5.58 -1.54 -11.99
CA GLY B 62 4.18 -1.06 -12.08
C GLY B 62 3.39 -1.28 -10.79
N HIS B 63 3.99 -1.13 -9.60
CA HIS B 63 3.24 -1.35 -8.33
C HIS B 63 2.24 -0.22 -8.07
N HIS B 64 2.53 1.03 -8.46
CA HIS B 64 1.54 2.12 -8.32
C HIS B 64 0.52 1.96 -9.46
N LEU B 65 -0.78 2.03 -9.17
CA LEU B 65 -1.81 1.97 -10.25
C LEU B 65 -2.45 3.35 -10.46
N LYS B 66 -1.94 4.41 -9.82
CA LYS B 66 -2.25 5.80 -10.24
C LYS B 66 -0.94 6.61 -10.41
N ALA B 67 -1.01 7.84 -10.92
CA ALA B 67 0.16 8.72 -11.21
C ALA B 67 1.23 8.65 -10.10
N CYS B 68 2.44 8.36 -10.51
CA CYS B 68 3.65 8.52 -9.65
C CYS B 68 4.13 9.95 -9.79
N ARG B 69 3.95 10.73 -8.72
N ARG B 69 3.92 10.78 -8.75
CA ARG B 69 4.14 12.21 -8.71
CA ARG B 69 4.18 12.23 -8.80
C ARG B 69 5.58 12.59 -8.38
C ARG B 69 5.63 12.58 -8.44
N ALA B 70 6.34 11.73 -7.70
CA ALA B 70 7.77 12.01 -7.34
C ALA B 70 8.50 10.70 -7.08
N VAL B 71 9.82 10.76 -7.28
CA VAL B 71 10.77 9.66 -7.04
C VAL B 71 12.05 10.28 -6.48
N ALA B 72 12.78 9.53 -5.68
CA ALA B 72 14.06 10.01 -5.12
C ALA B 72 14.94 8.80 -4.79
N PHE B 73 16.22 8.93 -5.08
CA PHE B 73 17.21 7.87 -4.76
C PHE B 73 17.72 8.13 -3.36
N SER B 74 17.81 7.08 -2.55
CA SER B 74 18.46 7.14 -1.23
C SER B 74 19.93 7.56 -1.41
N GLU B 75 20.48 8.25 -0.41
CA GLU B 75 21.84 8.85 -0.48
C GLU B 75 22.88 7.74 -0.63
N ASP B 76 22.61 6.57 -0.08
CA ASP B 76 23.54 5.41 -0.12
C ASP B 76 23.52 4.77 -1.50
N GLY B 77 22.59 5.14 -2.38
CA GLY B 77 22.53 4.61 -3.75
C GLY B 77 21.78 3.30 -3.89
N GLN B 78 21.18 2.73 -2.84
CA GLN B 78 20.68 1.33 -2.85
C GLN B 78 19.19 1.28 -3.17
N LYS B 79 18.43 2.37 -2.93
CA LYS B 79 16.96 2.31 -3.06
C LYS B 79 16.42 3.50 -3.87
N LEU B 80 15.25 3.31 -4.44
CA LEU B 80 14.42 4.39 -5.04
C LEU B 80 13.11 4.41 -4.28
N ILE B 81 12.72 5.59 -3.78
CA ILE B 81 11.47 5.84 -3.06
C ILE B 81 10.53 6.61 -3.98
N THR B 82 9.28 6.17 -4.05
CA THR B 82 8.29 6.70 -5.00
C THR B 82 7.00 7.02 -4.24
N VAL B 83 6.29 8.04 -4.66
CA VAL B 83 4.94 8.38 -4.11
C VAL B 83 3.94 8.62 -5.23
N SER B 84 2.67 8.49 -4.86
CA SER B 84 1.62 8.38 -5.87
C SER B 84 0.33 9.05 -5.42
N LYS B 85 -0.46 9.37 -6.44
CA LYS B 85 -1.93 9.65 -6.33
C LYS B 85 -2.66 8.49 -5.63
N ASP B 86 -2.11 7.24 -5.65
CA ASP B 86 -2.70 6.09 -4.95
C ASP B 86 -2.55 6.23 -3.43
N LYS B 87 -1.86 7.27 -2.95
CA LYS B 87 -1.72 7.63 -1.51
C LYS B 87 -0.72 6.71 -0.81
N ALA B 88 0.16 6.05 -1.56
CA ALA B 88 1.17 5.13 -1.02
C ALA B 88 2.58 5.68 -1.24
N ILE B 89 3.48 5.23 -0.39
CA ILE B 89 4.96 5.38 -0.51
C ILE B 89 5.48 3.97 -0.77
N HIS B 90 6.31 3.84 -1.79
CA HIS B 90 7.02 2.57 -2.09
C HIS B 90 8.54 2.76 -1.94
N VAL B 91 9.20 1.69 -1.55
CA VAL B 91 10.68 1.59 -1.52
C VAL B 91 11.05 0.41 -2.42
N LEU B 92 11.86 0.71 -3.44
CA LEU B 92 12.25 -0.24 -4.50
C LEU B 92 13.76 -0.42 -4.45
N ASP B 93 14.22 -1.64 -4.74
CA ASP B 93 15.67 -1.91 -4.85
C ASP B 93 16.22 -1.26 -6.15
N VAL B 94 17.37 -0.58 -6.12
CA VAL B 94 17.95 0.07 -7.35
C VAL B 94 18.37 -0.95 -8.43
N GLU B 95 18.77 -2.17 -8.08
CA GLU B 95 19.33 -3.12 -9.10
C GLU B 95 18.21 -3.64 -10.00
N GLN B 96 17.02 -3.99 -9.48
CA GLN B 96 15.97 -4.63 -10.32
C GLN B 96 14.57 -4.07 -10.11
N GLY B 97 14.38 -3.10 -9.23
CA GLY B 97 13.06 -2.48 -9.09
C GLY B 97 12.08 -3.28 -8.25
N GLN B 98 12.58 -4.22 -7.45
CA GLN B 98 11.76 -5.08 -6.55
C GLN B 98 11.17 -4.20 -5.43
N LEU B 99 9.87 -4.36 -5.16
CA LEU B 99 9.21 -3.72 -3.99
C LEU B 99 9.81 -4.32 -2.71
N GLU B 100 10.29 -3.48 -1.81
CA GLU B 100 10.83 -3.87 -0.49
C GLU B 100 9.98 -3.36 0.67
N ARG B 101 9.30 -2.22 0.50
N ARG B 101 9.34 -2.19 0.51
CA ARG B 101 8.49 -1.62 1.60
CA ARG B 101 8.45 -1.68 1.58
C ARG B 101 7.31 -0.88 0.98
C ARG B 101 7.30 -0.92 0.95
N ARG B 102 6.14 -1.07 1.57
CA ARG B 102 4.89 -0.43 1.11
C ARG B 102 4.30 0.32 2.30
N VAL B 103 4.04 1.61 2.15
CA VAL B 103 3.24 2.34 3.17
C VAL B 103 1.95 2.74 2.47
N SER B 104 0.86 2.02 2.72
CA SER B 104 -0.41 2.37 2.05
C SER B 104 -1.11 3.40 2.93
N LYS B 105 -2.09 4.11 2.42
CA LYS B 105 -2.90 5.05 3.24
C LYS B 105 -1.94 6.08 3.87
N ALA B 106 -0.85 6.47 3.16
CA ALA B 106 0.20 7.33 3.77
C ALA B 106 -0.39 8.71 4.06
N HIS B 107 -1.29 9.16 3.20
CA HIS B 107 -2.06 10.41 3.34
C HIS B 107 -3.53 10.11 2.98
N GLY B 108 -4.42 11.03 3.36
CA GLY B 108 -5.85 10.96 2.99
C GLY B 108 -6.12 11.55 1.63
N ALA B 109 -5.10 12.07 0.95
CA ALA B 109 -5.22 12.70 -0.39
C ALA B 109 -4.02 12.32 -1.23
N PRO B 110 -4.09 12.43 -2.58
CA PRO B 110 -2.97 12.11 -3.45
C PRO B 110 -1.65 12.77 -3.02
N ILE B 111 -0.56 12.00 -3.04
CA ILE B 111 0.77 12.52 -2.61
C ILE B 111 1.46 13.18 -3.83
N ASN B 112 1.96 14.39 -3.67
CA ASN B 112 2.58 15.14 -4.78
C ASN B 112 4.09 15.31 -4.61
N SER B 113 4.61 15.36 -3.39
CA SER B 113 6.00 15.81 -3.08
CA SER B 113 6.01 15.76 -3.13
C SER B 113 6.68 14.79 -2.17
N LEU B 114 8.00 14.61 -2.35
CA LEU B 114 8.84 13.66 -1.55
C LEU B 114 10.22 14.30 -1.32
N LEU B 115 10.71 14.21 -0.09
CA LEU B 115 12.10 14.65 0.23
C LEU B 115 12.74 13.69 1.21
N LEU B 116 13.93 13.15 0.89
CA LEU B 116 14.62 12.26 1.84
C LEU B 116 15.49 13.13 2.77
N VAL B 117 15.28 12.99 4.08
CA VAL B 117 16.02 13.79 5.09
C VAL B 117 17.32 13.05 5.40
N ASP B 118 17.25 11.76 5.73
CA ASP B 118 18.48 10.92 5.99
C ASP B 118 18.16 9.46 5.68
N GLU B 119 19.05 8.53 6.03
CA GLU B 119 18.81 7.13 5.67
C GLU B 119 17.52 6.61 6.31
N ASN B 120 17.03 7.19 7.41
CA ASN B 120 15.82 6.65 8.10
C ASN B 120 14.57 7.50 7.81
N VAL B 121 14.73 8.80 7.62
CA VAL B 121 13.59 9.78 7.72
C VAL B 121 13.28 10.34 6.33
N LEU B 122 11.99 10.53 6.03
CA LEU B 122 11.61 11.21 4.76
C LEU B 122 10.32 12.02 5.00
N ALA B 123 10.06 13.01 4.16
CA ALA B 123 8.89 13.90 4.27
C ALA B 123 8.03 13.67 3.03
N THR B 124 6.70 13.83 3.17
CA THR B 124 5.77 13.71 2.03
C THR B 124 4.73 14.84 2.16
N GLY B 125 4.30 15.34 1.00
CA GLY B 125 3.34 16.45 0.85
C GLY B 125 2.19 16.01 -0.02
N ASP B 126 0.95 16.36 0.33
CA ASP B 126 -0.23 15.92 -0.44
C ASP B 126 -0.96 17.09 -1.09
N ASP B 127 -1.95 16.77 -1.92
N ASP B 127 -1.96 16.73 -1.89
CA ASP B 127 -2.61 17.76 -2.81
CA ASP B 127 -2.72 17.63 -2.79
C ASP B 127 -3.59 18.61 -1.99
C ASP B 127 -3.52 18.64 -1.97
N THR B 128 -3.71 18.42 -0.66
CA THR B 128 -4.52 19.34 0.20
C THR B 128 -3.60 20.13 1.15
N GLY B 129 -2.28 20.01 1.01
CA GLY B 129 -1.31 20.74 1.85
C GLY B 129 -0.85 19.98 3.08
N GLY B 130 -1.24 18.71 3.23
CA GLY B 130 -0.82 17.89 4.38
C GLY B 130 0.67 17.52 4.27
N ILE B 131 1.41 17.73 5.34
CA ILE B 131 2.85 17.36 5.44
C ILE B 131 2.99 16.22 6.45
N ARG B 132 3.71 15.15 6.12
CA ARG B 132 3.98 14.09 7.11
C ARG B 132 5.46 13.75 7.06
N LEU B 133 6.00 13.36 8.21
CA LEU B 133 7.39 12.85 8.35
C LEU B 133 7.27 11.36 8.70
N TRP B 134 8.24 10.58 8.24
CA TRP B 134 8.22 9.11 8.32
C TRP B 134 9.60 8.66 8.76
N ASP B 135 9.64 7.61 9.59
CA ASP B 135 10.89 6.86 9.85
C ASP B 135 10.67 5.45 9.39
N GLN B 136 11.58 4.95 8.54
CA GLN B 136 11.49 3.58 7.95
C GLN B 136 11.35 2.50 9.05
N ARG B 137 11.78 2.80 10.28
CA ARG B 137 11.78 1.87 11.46
C ARG B 137 10.45 1.87 12.21
N LYS B 138 9.50 2.75 11.89
CA LYS B 138 8.25 2.93 12.69
C LYS B 138 7.01 2.78 11.78
N GLU B 139 5.94 2.23 12.34
CA GLU B 139 4.60 2.22 11.72
C GLU B 139 3.97 3.57 11.99
N GLY B 140 3.44 4.22 10.97
CA GLY B 140 2.68 5.47 11.13
C GLY B 140 3.59 6.70 11.13
N PRO B 141 3.03 7.89 10.81
CA PRO B 141 3.85 9.09 10.65
C PRO B 141 4.41 9.62 11.99
N LEU B 142 5.55 10.29 11.93
CA LEU B 142 6.16 10.95 13.10
C LEU B 142 5.46 12.29 13.33
N MET B 143 4.93 12.88 12.25
CA MET B 143 4.32 14.24 12.26
C MET B 143 3.22 14.30 11.21
N ASP B 144 2.18 15.07 11.48
CA ASP B 144 1.06 15.27 10.54
C ASP B 144 0.62 16.72 10.69
N MET B 145 1.01 17.54 9.74
CA MET B 145 0.82 19.00 9.86
C MET B 145 -0.02 19.47 8.68
N ARG B 146 -1.07 20.26 8.97
CA ARG B 146 -2.03 20.68 7.93
C ARG B 146 -2.24 22.19 7.90
N GLN B 147 -1.25 23.00 8.26
CA GLN B 147 -1.27 24.49 8.20
C GLN B 147 -1.41 24.94 6.74
N HIS B 148 -0.82 24.27 5.76
CA HIS B 148 -1.01 24.69 4.34
C HIS B 148 -2.46 24.40 3.87
N GLU B 149 -2.96 25.22 2.96
CA GLU B 149 -4.38 25.16 2.55
C GLU B 149 -4.52 24.64 1.12
N GLU B 150 -3.40 24.43 0.42
N GLU B 150 -3.41 24.42 0.42
CA GLU B 150 -3.39 23.96 -0.99
CA GLU B 150 -3.43 23.95 -0.98
C GLU B 150 -2.14 23.12 -1.22
C GLU B 150 -2.30 22.94 -1.12
N TYR B 151 -2.13 22.40 -2.33
CA TYR B 151 -1.15 21.33 -2.62
C TYR B 151 0.27 21.74 -2.20
N ILE B 152 1.02 20.72 -1.78
CA ILE B 152 2.49 20.85 -1.59
C ILE B 152 3.18 20.66 -2.95
N ALA B 153 3.80 21.69 -3.51
CA ALA B 153 4.40 21.69 -4.84
C ALA B 153 5.79 21.09 -4.73
N ASP B 154 6.51 21.44 -3.66
CA ASP B 154 7.96 21.11 -3.58
C ASP B 154 8.40 21.27 -2.12
N MET B 155 9.57 20.69 -1.80
CA MET B 155 10.16 20.90 -0.46
C MET B 155 11.68 21.01 -0.61
N ALA B 156 12.33 21.55 0.42
CA ALA B 156 13.79 21.63 0.47
C ALA B 156 14.24 21.45 1.92
N LEU B 157 15.51 21.12 2.08
CA LEU B 157 16.09 20.71 3.37
C LEU B 157 17.23 21.65 3.76
N ASP B 158 17.19 22.11 5.00
CA ASP B 158 18.27 22.83 5.69
C ASP B 158 19.57 22.04 5.53
N PRO B 159 20.70 22.66 5.13
CA PRO B 159 22.00 21.97 5.11
C PRO B 159 22.32 21.28 6.45
N ALA B 160 21.93 21.90 7.56
CA ALA B 160 22.09 21.36 8.94
C ALA B 160 21.02 20.33 9.26
N LYS B 161 20.02 20.14 8.37
CA LYS B 161 18.91 19.16 8.53
C LYS B 161 18.05 19.42 9.77
N LYS B 162 17.94 20.67 10.24
CA LYS B 162 17.03 21.06 11.35
C LYS B 162 15.63 21.36 10.78
N LEU B 163 15.58 22.09 9.67
CA LEU B 163 14.29 22.60 9.13
C LEU B 163 13.93 21.95 7.78
N LEU B 164 12.65 21.67 7.63
CA LEU B 164 11.99 21.31 6.36
C LEU B 164 11.30 22.55 5.80
N LEU B 165 11.59 22.93 4.57
CA LEU B 165 10.92 24.06 3.89
C LEU B 165 9.97 23.54 2.83
N THR B 166 8.80 24.14 2.74
CA THR B 166 7.67 23.63 1.93
C THR B 166 7.20 24.77 1.06
N ALA B 167 6.99 24.49 -0.23
CA ALA B 167 6.37 25.46 -1.15
C ALA B 167 4.96 24.94 -1.47
N SER B 168 3.97 25.82 -1.34
CA SER B 168 2.55 25.43 -1.52
C SER B 168 1.81 26.30 -2.57
N GLY B 169 0.79 25.69 -3.18
CA GLY B 169 -0.26 26.33 -3.99
C GLY B 169 -0.95 27.48 -3.24
N ASP B 170 -0.89 27.50 -1.91
CA ASP B 170 -1.53 28.59 -1.10
C ASP B 170 -0.69 29.89 -1.11
N GLY B 171 0.46 29.91 -1.78
CA GLY B 171 1.40 31.03 -1.91
C GLY B 171 2.38 31.20 -0.76
N CYS B 172 2.45 30.26 0.20
CA CYS B 172 3.30 30.38 1.40
C CYS B 172 4.47 29.43 1.28
N LEU B 173 5.57 29.89 1.83
CA LEU B 173 6.71 29.05 2.23
C LEU B 173 6.43 28.57 3.66
N GLY B 174 6.39 27.26 3.87
CA GLY B 174 6.20 26.67 5.20
C GLY B 174 7.52 26.26 5.83
N ILE B 175 7.63 26.35 7.16
CA ILE B 175 8.86 25.98 7.89
C ILE B 175 8.45 25.01 9.00
N PHE B 176 9.06 23.84 9.05
CA PHE B 176 8.77 22.76 10.03
C PHE B 176 10.10 22.32 10.64
N ASN B 177 10.10 22.19 11.97
CA ASN B 177 11.29 21.77 12.74
C ASN B 177 11.22 20.23 12.78
N ILE B 178 12.17 19.58 12.15
CA ILE B 178 12.17 18.10 12.00
C ILE B 178 12.34 17.45 13.39
N LYS B 179 13.32 17.93 14.13
CA LYS B 179 13.72 17.32 15.45
C LYS B 179 12.56 17.42 16.44
N ARG B 180 11.85 18.56 16.47
CA ARG B 180 10.68 18.77 17.36
C ARG B 180 9.38 18.29 16.71
N ARG B 181 9.37 17.85 15.44
CA ARG B 181 8.10 17.47 14.75
C ARG B 181 7.09 18.59 14.99
N ARG B 182 7.45 19.83 14.71
CA ARG B 182 6.38 20.84 14.77
C ARG B 182 6.50 21.94 13.72
N PHE B 183 5.36 22.59 13.58
CA PHE B 183 5.15 23.78 12.75
C PHE B 183 5.89 24.96 13.36
N GLU B 184 6.68 25.67 12.55
CA GLU B 184 7.32 26.94 12.96
C GLU B 184 6.49 28.10 12.43
N LEU B 185 6.31 28.21 11.11
CA LEU B 185 5.53 29.35 10.55
C LEU B 185 5.21 29.10 9.10
N LEU B 186 4.20 29.84 8.59
CA LEU B 186 4.00 30.07 7.15
C LEU B 186 4.44 31.50 6.85
N SER B 187 5.10 31.71 5.72
CA SER B 187 5.38 33.09 5.23
C SER B 187 4.07 33.83 5.00
N GLU B 188 4.17 35.15 4.82
CA GLU B 188 3.08 35.93 4.21
C GLU B 188 2.79 35.28 2.86
N PRO B 189 1.52 35.11 2.48
CA PRO B 189 1.19 34.50 1.19
C PRO B 189 1.56 35.43 0.04
N GLN B 190 2.08 34.85 -1.05
CA GLN B 190 2.39 35.55 -2.33
C GLN B 190 1.20 35.42 -3.30
N SER B 191 1.09 36.31 -4.29
CA SER B 191 -0.02 36.32 -5.27
C SER B 191 0.08 35.05 -6.14
N GLY B 192 1.33 34.69 -6.47
CA GLY B 192 1.67 33.47 -7.24
C GLY B 192 1.62 32.22 -6.35
N ASP B 193 1.08 31.12 -6.86
CA ASP B 193 1.25 29.77 -6.25
C ASP B 193 2.76 29.48 -6.25
N LEU B 194 3.29 28.93 -5.16
CA LEU B 194 4.74 28.59 -5.12
C LEU B 194 4.86 27.15 -5.61
N THR B 195 5.60 26.95 -6.70
CA THR B 195 5.70 25.66 -7.42
C THR B 195 7.03 24.95 -7.07
N SER B 196 7.93 25.62 -6.39
CA SER B 196 9.36 25.19 -6.35
C SER B 196 10.07 25.96 -5.26
N VAL B 197 11.00 25.29 -4.59
CA VAL B 197 11.77 25.92 -3.50
C VAL B 197 13.18 25.31 -3.54
N THR B 198 14.21 26.15 -3.52
N THR B 198 14.20 26.18 -3.50
CA THR B 198 15.60 25.66 -3.44
CA THR B 198 15.63 25.84 -3.62
C THR B 198 16.44 26.67 -2.67
C THR B 198 16.41 26.71 -2.62
N LEU B 199 17.42 26.15 -1.96
CA LEU B 199 18.39 26.98 -1.16
C LEU B 199 19.48 27.45 -2.14
N MET B 200 19.87 28.70 -2.04
CA MET B 200 20.92 29.30 -2.90
C MET B 200 21.92 30.05 -2.00
N LYS B 201 23.05 30.48 -2.57
CA LYS B 201 24.04 31.37 -1.92
C LYS B 201 24.51 30.77 -0.60
N TRP B 202 25.11 29.58 -0.66
CA TRP B 202 25.67 28.78 0.46
C TRP B 202 24.65 28.68 1.61
N GLY B 203 23.36 28.54 1.28
CA GLY B 203 22.28 28.32 2.27
C GLY B 203 21.79 29.61 2.94
N LYS B 204 22.11 30.78 2.38
CA LYS B 204 21.72 32.11 2.94
C LYS B 204 20.42 32.61 2.31
N LYS B 205 20.04 32.09 1.15
CA LYS B 205 18.82 32.55 0.43
C LYS B 205 17.93 31.33 0.15
N VAL B 206 16.63 31.56 0.21
CA VAL B 206 15.60 30.61 -0.27
C VAL B 206 14.99 31.21 -1.52
N ALA B 207 15.06 30.51 -2.65
CA ALA B 207 14.44 30.92 -3.91
C ALA B 207 13.18 30.08 -4.16
N CYS B 208 12.05 30.73 -4.41
CA CYS B 208 10.76 30.06 -4.73
C CYS B 208 10.27 30.54 -6.08
N GLY B 209 10.02 29.62 -7.02
CA GLY B 209 9.38 29.93 -8.30
C GLY B 209 7.87 30.01 -8.14
N SER B 210 7.19 30.83 -8.95
CA SER B 210 5.71 31.00 -8.87
C SER B 210 5.02 30.73 -10.19
N SER B 211 3.72 30.48 -10.05
CA SER B 211 2.76 30.25 -11.15
C SER B 211 2.59 31.54 -11.98
N GLU B 212 3.13 32.67 -11.55
CA GLU B 212 3.07 33.93 -12.34
C GLU B 212 4.42 34.22 -13.02
N GLY B 213 5.41 33.33 -12.94
CA GLY B 213 6.72 33.58 -13.55
C GLY B 213 7.55 34.55 -12.75
N THR B 214 7.44 34.52 -11.42
CA THR B 214 8.25 35.31 -10.48
C THR B 214 9.14 34.37 -9.69
N ILE B 215 10.34 34.83 -9.34
CA ILE B 215 11.17 34.19 -8.30
C ILE B 215 11.12 35.08 -7.05
N TYR B 216 10.71 34.50 -5.93
CA TYR B 216 10.71 35.14 -4.60
C TYR B 216 11.95 34.69 -3.88
N LEU B 217 12.62 35.62 -3.20
CA LEU B 217 13.77 35.31 -2.32
C LEU B 217 13.41 35.60 -0.88
N PHE B 218 13.85 34.73 0.00
CA PHE B 218 13.76 34.89 1.47
C PHE B 218 15.18 34.78 2.04
N ASN B 219 15.52 35.57 3.06
CA ASN B 219 16.78 35.32 3.80
C ASN B 219 16.56 34.13 4.70
N TRP B 220 17.63 33.33 4.88
CA TRP B 220 17.74 32.24 5.86
C TRP B 220 17.44 32.85 7.24
N ASN B 221 16.53 32.24 8.00
CA ASN B 221 16.05 32.72 9.33
C ASN B 221 15.31 34.06 9.21
N GLY B 222 14.87 34.44 8.00
CA GLY B 222 13.88 35.51 7.73
C GLY B 222 12.73 35.01 6.88
N PHE B 223 12.05 33.95 7.34
CA PHE B 223 11.11 33.13 6.52
C PHE B 223 9.73 33.80 6.47
N GLY B 224 9.47 34.81 7.30
CA GLY B 224 8.13 35.44 7.42
C GLY B 224 7.72 36.24 6.18
N ALA B 225 8.66 36.79 5.44
CA ALA B 225 8.38 37.75 4.35
C ALA B 225 9.56 37.76 3.37
N THR B 226 9.26 38.06 2.11
CA THR B 226 10.29 38.07 1.04
C THR B 226 11.26 39.20 1.29
N SER B 227 12.54 39.02 0.95
CA SER B 227 13.59 40.06 0.95
C SER B 227 13.80 40.58 -0.47
N ASP B 228 13.17 39.98 -1.47
CA ASP B 228 13.36 40.38 -2.89
C ASP B 228 12.43 39.56 -3.77
N ARG B 229 12.31 39.95 -5.02
CA ARG B 229 11.50 39.29 -6.07
C ARG B 229 11.90 39.88 -7.42
N PHE B 230 11.84 39.11 -8.50
CA PHE B 230 11.81 39.64 -9.89
C PHE B 230 11.03 38.70 -10.79
N ALA B 231 10.46 39.29 -11.84
CA ALA B 231 9.69 38.57 -12.88
C ALA B 231 10.68 38.09 -13.96
N LEU B 232 10.40 36.90 -14.49
CA LEU B 232 10.86 36.45 -15.82
C LEU B 232 9.77 36.89 -16.79
N ARG B 233 10.11 36.97 -18.09
CA ARG B 233 9.15 37.27 -19.17
C ARG B 233 8.17 36.09 -19.28
N ALA B 234 8.59 34.88 -18.90
CA ALA B 234 7.75 33.66 -18.89
C ALA B 234 6.51 33.84 -18.02
N GLU B 235 5.43 33.17 -18.38
CA GLU B 235 4.11 33.28 -17.72
C GLU B 235 4.13 32.45 -16.43
N SER B 236 5.08 31.53 -16.26
CA SER B 236 5.01 30.52 -15.17
C SER B 236 6.37 29.85 -14.97
N ILE B 237 6.61 29.44 -13.73
CA ILE B 237 7.78 28.61 -13.32
C ILE B 237 7.16 27.42 -12.61
N ASP B 238 7.40 26.22 -13.14
CA ASP B 238 6.75 24.98 -12.69
C ASP B 238 7.75 24.08 -11.97
N CYS B 239 9.04 24.31 -12.16
CA CYS B 239 10.13 23.48 -11.58
C CYS B 239 11.45 24.26 -11.62
N MET B 240 12.33 24.02 -10.66
CA MET B 240 13.68 24.66 -10.56
C MET B 240 14.67 23.65 -10.02
N VAL B 241 15.91 23.75 -10.46
CA VAL B 241 17.02 22.99 -9.81
C VAL B 241 18.24 23.91 -9.74
N PRO B 242 19.00 23.90 -8.64
CA PRO B 242 20.24 24.68 -8.57
C PRO B 242 21.37 24.00 -9.34
N VAL B 243 22.16 24.78 -10.07
CA VAL B 243 23.40 24.34 -10.75
C VAL B 243 24.63 24.78 -9.95
N THR B 244 24.68 26.06 -9.55
CA THR B 244 25.75 26.57 -8.64
C THR B 244 25.09 27.23 -7.43
N GLU B 245 25.89 27.91 -6.61
CA GLU B 245 25.41 28.67 -5.44
C GLU B 245 24.66 29.90 -5.92
N SER B 246 24.83 30.31 -7.18
CA SER B 246 24.22 31.53 -7.77
C SER B 246 23.30 31.21 -8.95
N LEU B 247 23.47 30.06 -9.60
CA LEU B 247 22.79 29.81 -10.89
C LEU B 247 21.77 28.65 -10.74
N LEU B 248 20.55 28.84 -11.22
CA LEU B 248 19.54 27.75 -11.24
C LEU B 248 18.86 27.74 -12.60
N CYS B 249 18.23 26.61 -12.93
CA CYS B 249 17.44 26.46 -14.15
C CYS B 249 15.99 26.36 -13.75
N THR B 250 15.12 26.91 -14.58
CA THR B 250 13.66 26.89 -14.42
C THR B 250 13.03 26.16 -15.59
N GLY B 251 11.90 25.52 -15.33
CA GLY B 251 11.04 24.91 -16.36
C GLY B 251 9.71 25.63 -16.36
N SER B 252 9.10 25.83 -17.53
CA SER B 252 7.87 26.65 -17.70
C SER B 252 6.85 25.94 -18.59
N THR B 253 5.58 26.36 -18.54
CA THR B 253 4.49 25.70 -19.30
C THR B 253 4.68 26.00 -20.81
N ASP B 254 5.48 27.00 -21.18
CA ASP B 254 5.81 27.31 -22.61
C ASP B 254 6.85 26.29 -23.15
N GLY B 255 7.39 25.43 -22.29
CA GLY B 255 8.29 24.32 -22.70
C GLY B 255 9.74 24.74 -22.69
N VAL B 256 10.05 25.97 -22.30
CA VAL B 256 11.42 26.53 -22.31
C VAL B 256 12.09 26.35 -20.93
N ILE B 257 13.35 25.94 -20.94
CA ILE B 257 14.25 25.86 -19.75
C ILE B 257 15.17 27.08 -19.78
N ARG B 258 15.16 27.88 -18.72
CA ARG B 258 15.90 29.16 -18.62
C ARG B 258 16.93 28.99 -17.53
N ALA B 259 18.12 29.51 -17.75
CA ALA B 259 19.17 29.67 -16.73
C ALA B 259 19.04 31.07 -16.13
N VAL B 260 19.06 31.13 -14.80
CA VAL B 260 18.69 32.33 -14.01
C VAL B 260 19.78 32.50 -12.98
N ASN B 261 20.39 33.68 -12.93
CA ASN B 261 21.32 34.04 -11.85
C ASN B 261 20.55 34.74 -10.71
N ILE B 262 21.06 34.56 -9.48
CA ILE B 262 20.51 35.13 -8.23
C ILE B 262 21.55 36.08 -7.59
N LEU B 263 21.18 37.35 -7.43
CA LEU B 263 21.99 38.43 -6.76
C LEU B 263 23.40 38.49 -7.36
N PRO B 264 23.56 39.14 -8.54
CA PRO B 264 22.47 39.81 -9.24
C PRO B 264 21.45 38.94 -9.97
N ASN B 265 20.19 39.32 -9.83
CA ASN B 265 19.04 38.63 -10.42
C ASN B 265 18.96 38.95 -11.89
N ARG B 266 19.33 38.00 -12.76
CA ARG B 266 19.06 38.12 -14.21
C ARG B 266 18.90 36.74 -14.86
N VAL B 267 18.04 36.68 -15.87
CA VAL B 267 17.96 35.58 -16.88
C VAL B 267 19.23 35.62 -17.72
N VAL B 268 20.07 34.59 -17.62
CA VAL B 268 21.32 34.42 -18.43
C VAL B 268 20.95 34.00 -19.86
N GLY B 269 20.02 33.06 -20.03
CA GLY B 269 19.55 32.62 -21.36
C GLY B 269 18.72 31.35 -21.30
N SER B 270 18.33 30.85 -22.46
CA SER B 270 17.53 29.60 -22.65
C SER B 270 18.49 28.44 -22.83
N VAL B 271 18.36 27.41 -22.00
CA VAL B 271 19.18 26.18 -22.07
C VAL B 271 18.68 25.37 -23.28
N GLY B 272 17.37 25.36 -23.49
CA GLY B 272 16.72 24.45 -24.45
C GLY B 272 15.21 24.46 -24.25
N GLN B 273 14.48 23.62 -24.99
CA GLN B 273 13.00 23.54 -24.91
C GLN B 273 12.47 22.17 -25.30
N HIS B 274 11.27 21.85 -24.83
CA HIS B 274 10.39 20.79 -25.35
C HIS B 274 9.33 21.55 -26.14
N THR B 275 9.54 21.72 -27.45
CA THR B 275 8.74 22.62 -28.33
C THR B 275 7.26 22.58 -27.98
N GLY B 276 6.72 23.70 -27.46
CA GLY B 276 5.29 23.92 -27.18
C GLY B 276 4.72 22.96 -26.13
N GLU B 277 5.55 22.39 -25.24
CA GLU B 277 5.05 21.37 -24.26
C GLU B 277 5.54 21.74 -22.87
N PRO B 278 4.66 21.85 -21.86
CA PRO B 278 5.13 22.13 -20.49
C PRO B 278 6.33 21.27 -20.03
N VAL B 279 7.30 21.89 -19.36
CA VAL B 279 8.39 21.17 -18.63
C VAL B 279 7.85 20.87 -17.24
N GLU B 280 7.72 19.58 -16.93
CA GLU B 280 7.09 19.03 -15.69
C GLU B 280 8.12 19.01 -14.54
N GLU B 281 9.38 18.62 -14.83
CA GLU B 281 10.40 18.42 -13.77
C GLU B 281 11.80 18.56 -14.35
N LEU B 282 12.74 18.97 -13.50
CA LEU B 282 14.19 19.04 -13.81
C LEU B 282 15.00 18.28 -12.76
N ALA B 283 16.18 17.80 -13.17
CA ALA B 283 17.11 17.12 -12.26
C ALA B 283 18.54 17.33 -12.75
N LEU B 284 19.48 17.29 -11.83
CA LEU B 284 20.90 17.48 -12.21
C LEU B 284 21.67 16.22 -11.87
N SER B 285 22.50 15.74 -12.80
CA SER B 285 23.37 14.55 -12.66
C SER B 285 24.36 14.71 -11.49
N HIS B 286 24.81 13.59 -10.92
CA HIS B 286 25.66 13.60 -9.69
C HIS B 286 27.04 14.23 -10.01
N CYS B 287 27.47 14.14 -11.26
CA CYS B 287 28.74 14.72 -11.77
C CYS B 287 28.55 16.21 -12.12
N GLY B 288 27.29 16.66 -12.24
CA GLY B 288 26.94 18.07 -12.49
C GLY B 288 27.05 18.44 -13.96
N ARG B 289 27.39 17.47 -14.83
CA ARG B 289 27.53 17.69 -16.29
C ARG B 289 26.16 17.86 -16.97
N PHE B 290 25.14 17.16 -16.53
CA PHE B 290 23.90 17.03 -17.34
C PHE B 290 22.68 17.45 -16.52
N LEU B 291 21.92 18.36 -17.11
CA LEU B 291 20.53 18.66 -16.68
C LEU B 291 19.60 17.73 -17.45
N ALA B 292 18.71 17.05 -16.75
CA ALA B 292 17.58 16.32 -17.40
C ALA B 292 16.27 17.08 -17.19
N SER B 293 15.47 17.11 -18.24
CA SER B 293 14.13 17.74 -18.20
C SER B 293 13.11 16.73 -18.70
N SER B 294 11.93 16.69 -18.06
CA SER B 294 10.80 15.81 -18.36
C SER B 294 9.66 16.69 -18.87
N GLY B 295 9.18 16.41 -20.08
CA GLY B 295 8.15 17.23 -20.75
C GLY B 295 6.86 16.51 -21.03
N HIS B 296 5.78 17.27 -21.26
CA HIS B 296 4.46 16.80 -21.68
C HIS B 296 4.58 16.19 -23.10
N ASP B 297 5.71 16.42 -23.81
CA ASP B 297 6.06 15.71 -25.08
C ASP B 297 6.54 14.26 -24.82
N GLN B 298 6.50 13.77 -23.57
CA GLN B 298 6.89 12.39 -23.20
C GLN B 298 8.34 12.11 -23.58
N ARG B 299 9.17 13.13 -23.48
CA ARG B 299 10.65 13.03 -23.64
C ARG B 299 11.35 13.42 -22.34
N LEU B 300 12.37 12.64 -21.98
CA LEU B 300 13.46 13.05 -21.08
C LEU B 300 14.58 13.56 -21.97
N LYS B 301 14.93 14.82 -21.84
CA LYS B 301 16.06 15.43 -22.59
C LYS B 301 17.22 15.74 -21.64
N PHE B 302 18.45 15.67 -22.14
CA PHE B 302 19.71 15.97 -21.45
C PHE B 302 20.38 17.23 -22.04
N TRP B 303 20.89 18.08 -21.17
CA TRP B 303 21.52 19.36 -21.53
C TRP B 303 22.89 19.46 -20.86
N ASP B 304 23.90 19.79 -21.66
CA ASP B 304 25.30 20.00 -21.20
C ASP B 304 25.34 21.27 -20.37
N MET B 305 25.83 21.20 -19.15
CA MET B 305 25.87 22.38 -18.26
C MET B 305 27.21 23.12 -18.43
N ALA B 306 28.12 22.65 -19.30
CA ALA B 306 29.49 23.22 -19.43
C ALA B 306 29.38 24.71 -19.78
N GLN B 307 28.63 25.04 -20.84
CA GLN B 307 28.43 26.42 -21.37
C GLN B 307 27.85 27.34 -20.28
N LEU B 308 26.93 26.81 -19.48
CA LEU B 308 26.24 27.60 -18.43
C LEU B 308 27.18 27.84 -17.24
N ARG B 309 28.01 26.86 -16.88
CA ARG B 309 28.90 26.92 -15.68
C ARG B 309 30.08 27.88 -15.93
N ALA B 310 30.28 28.32 -17.18
CA ALA B 310 31.34 29.29 -17.56
C ALA B 310 30.76 30.71 -17.78
N VAL B 311 29.45 30.92 -17.64
CA VAL B 311 28.80 32.26 -17.89
C VAL B 311 28.80 33.06 -16.58
#